data_2M3Y
#
_entry.id   2M3Y
#
_cell.length_a   42.368
_cell.length_b   42.368
_cell.length_c   42.368
_cell.angle_alpha   90.00
_cell.angle_beta   90.00
_cell.angle_gamma   90.00
#
_symmetry.space_group_name_H-M   'P 1'
#
loop_
_entity.id
_entity.type
_entity.pdbx_description
1 polymer "DNA (5'-D(*CP*GP*CP*TP*CP*(AAB)P*CP*AP*CP*GP*C)-3')"
2 polymer "DNA (5'-D(*GP*CP*GP*TP*GP*GP*GP*AP*(8OG)P*CP*G)-3')"
#
loop_
_entity_poly.entity_id
_entity_poly.type
_entity_poly.pdbx_seq_one_letter_code
_entity_poly.pdbx_strand_id
1 'polydeoxyribonucleotide' (DC)(DG)(DC)(DT)(DC)(AAB)(DC)(DA)(DC)(DG)(DC) A
2 'polydeoxyribonucleotide' (DG)(DC)(DG)(DT)(DG)(DG)(DG)(DA)(8OG)(DC)(DG) B
#
loop_
_chem_comp.id
_chem_comp.type
_chem_comp.name
_chem_comp.formula
8OG DNA linking 8-OXO-2'-DEOXY-GUANOSINE-5'-MONOPHOSPHATE 'C10 H14 N5 O8 P'
AAB DNA linking 2'-DEOXY-RIBOFURANOSE-5'-MONOPHOSPHATE 'C5 H11 O7 P'
DA DNA linking 2'-DEOXYADENOSINE-5'-MONOPHOSPHATE 'C10 H14 N5 O6 P'
DC DNA linking 2'-DEOXYCYTIDINE-5'-MONOPHOSPHATE 'C9 H14 N3 O7 P'
DG DNA linking 2'-DEOXYGUANOSINE-5'-MONOPHOSPHATE 'C10 H14 N5 O7 P'
DT DNA linking THYMIDINE-5'-MONOPHOSPHATE 'C10 H15 N2 O8 P'
#
# COMPACT_ATOMS: atom_id res chain seq x y z
P AAB A 6 3.94 -8.81 -0.17
O1P AAB A 6 4.01 -10.25 -0.32
O2P AAB A 6 5.09 -8.07 0.14
O5' AAB A 6 2.83 -8.49 0.95
C5' AAB A 6 2.93 -7.43 1.90
C4' AAB A 6 1.69 -7.17 2.68
O4' AAB A 6 0.82 -6.31 1.89
C1' AAB A 6 0.02 -7.08 1.07
O1' AAB A 6 0.35 -7.46 -0.26
C2' AAB A 6 -0.23 -8.37 1.93
C3' AAB A 6 0.84 -8.33 3.03
O3' AAB A 6 0.27 -8.19 4.38
H5'1 AAB A 6 3.16 -6.48 1.42
H5'2 AAB A 6 3.76 -7.59 2.59
H4' AAB A 6 2.00 -6.66 3.59
H1' AAB A 6 -0.97 -6.66 0.93
HO1' AAB A 6 1.25 -7.80 -0.30
H2'1 AAB A 6 -1.19 -8.43 2.43
H2'2 AAB A 6 0.01 -9.24 1.32
H3' AAB A 6 1.43 -9.24 3.01
P 8OG B 9 -4.78 5.03 3.59
OP1 8OG B 9 -4.53 4.98 5.01
OP2 8OG B 9 -5.65 6.02 2.99
O5' 8OG B 9 -3.39 5.27 2.88
C5' 8OG B 9 -2.31 4.46 3.16
C4' 8OG B 9 -1.11 4.69 2.30
O4' 8OG B 9 -1.41 4.12 1.06
C3' 8OG B 9 -0.63 6.12 2.18
O3' 8OG B 9 0.68 6.24 2.76
C2' 8OG B 9 -0.73 6.39 0.64
C1' 8OG B 9 -0.71 4.97 0.09
N9 8OG B 9 -1.39 4.66 -1.26
C8 8OG B 9 -2.62 5.07 -1.67
N7 8OG B 9 -2.88 4.75 -2.88
C5 8OG B 9 -1.75 4.15 -3.37
C6 8OG B 9 -1.46 3.54 -4.66
O6 8OG B 9 -2.22 3.50 -5.58
N1 8OG B 9 -0.13 3.10 -4.69
C2 8OG B 9 0.76 3.02 -3.61
N2 8OG B 9 2.00 2.65 -3.80
N3 8OG B 9 0.42 3.43 -2.37
C4 8OG B 9 -0.84 4.02 -2.38
O8 8OG B 9 -3.47 5.70 -0.98
H5' 8OG B 9 -2.54 3.42 2.92
H5'' 8OG B 9 -2.04 4.44 4.21
H4' 8OG B 9 -0.26 4.15 2.72
H3' 8OG B 9 -1.32 6.74 2.76
H2' 8OG B 9 0.14 6.93 0.27
H2'' 8OG B 9 -1.68 6.84 0.39
H1' 8OG B 9 0.33 4.64 -0.04
H7 8OG B 9 -3.77 4.91 -3.32
H1 8OG B 9 0.23 2.84 -5.60
H21 8OG B 9 2.61 2.67 -2.99
H22 8OG B 9 2.28 2.44 -4.75
P AAB A 6 3.80 -7.95 -0.01
O1P AAB A 6 3.90 -9.47 0.00
O2P AAB A 6 5.01 -7.14 0.17
O5' AAB A 6 2.75 -7.56 1.11
C5' AAB A 6 2.78 -6.35 1.95
C4' AAB A 6 1.41 -6.31 2.63
O4' AAB A 6 0.50 -5.55 1.91
C1' AAB A 6 -0.02 -6.45 0.99
O1' AAB A 6 0.51 -6.66 -0.32
C2' AAB A 6 -0.19 -7.73 1.85
C3' AAB A 6 0.79 -7.67 2.96
O3' AAB A 6 0.22 -7.65 4.19
H5'1 AAB A 6 2.79 -5.46 1.32
H5'2 AAB A 6 3.68 -6.27 2.57
H4' AAB A 6 1.58 -5.80 3.58
H1' AAB A 6 -1.03 -6.09 0.78
HO1' AAB A 6 1.40 -6.99 -0.13
H2'1 AAB A 6 -1.15 -7.73 2.34
H2'2 AAB A 6 0.07 -8.62 1.27
H3' AAB A 6 1.43 -8.55 2.88
P 8OG B 9 -4.32 4.35 3.98
OP1 8OG B 9 -3.93 4.66 5.35
OP2 8OG B 9 -5.36 5.20 3.35
O5' 8OG B 9 -2.95 4.34 3.04
C5' 8OG B 9 -1.88 3.41 3.20
C4' 8OG B 9 -0.62 3.56 2.25
O4' 8OG B 9 -1.09 3.11 0.90
C3' 8OG B 9 -0.11 5.02 2.13
O3' 8OG B 9 1.23 5.06 2.65
C2' 8OG B 9 -0.36 5.34 0.72
C1' 8OG B 9 -0.32 3.96 -0.03
N9 8OG B 9 -0.95 3.93 -1.30
C8 8OG B 9 -2.21 4.28 -1.67
N7 8OG B 9 -2.45 4.04 -2.87
C5 8OG B 9 -1.33 3.49 -3.45
C6 8OG B 9 -1.07 3.02 -4.82
O6 8OG B 9 -1.76 3.05 -5.84
N1 8OG B 9 0.28 2.61 -4.94
C2 8OG B 9 1.18 2.53 -3.97
N2 8OG B 9 2.33 2.22 -4.37
N3 8OG B 9 0.88 2.93 -2.67
C4 8OG B 9 -0.38 3.43 -2.45
O8 8OG B 9 -2.93 4.92 -0.94
H5' 8OG B 9 -2.22 2.37 3.17
H5'' 8OG B 9 -1.52 3.67 4.20
H4' 8OG B 9 0.17 2.86 2.53
H3' 8OG B 9 -0.72 5.64 2.80
H2' 8OG B 9 0.45 5.99 0.40
H2'' 8OG B 9 -1.31 5.86 0.58
H1' 8OG B 9 0.74 3.74 -0.17
H7 8OG B 9 -3.36 4.25 -3.26
H1 8OG B 9 0.56 2.37 -5.88
H21 8OG B 9 3.11 2.25 -3.74
H22 8OG B 9 2.50 2.17 -5.37
P AAB A 6 4.46 -7.80 0.24
O1P AAB A 6 4.87 -9.21 0.42
O2P AAB A 6 5.50 -6.75 0.27
O5' AAB A 6 3.26 -7.50 1.21
C5' AAB A 6 3.30 -6.58 2.30
C4' AAB A 6 1.90 -6.37 2.93
O4' AAB A 6 1.04 -5.61 2.09
C1' AAB A 6 0.39 -6.51 1.23
O1' AAB A 6 0.82 -6.93 -0.02
C2' AAB A 6 0.16 -7.78 2.17
C3' AAB A 6 1.16 -7.71 3.20
O3' AAB A 6 0.57 -7.59 4.50
H5'1 AAB A 6 3.66 -5.59 2.00
H5'2 AAB A 6 3.96 -6.90 3.10
H4' AAB A 6 2.06 -5.75 3.82
H1' AAB A 6 -0.58 -6.02 1.09
HO1' AAB A 6 1.75 -6.89 0.18
H2'1 AAB A 6 -0.84 -7.73 2.59
H2'2 AAB A 6 0.36 -8.73 1.66
H3' AAB A 6 1.82 -8.56 3.11
P 8OG B 9 -4.15 4.39 4.10
OP1 8OG B 9 -3.74 4.20 5.48
OP2 8OG B 9 -5.18 5.43 3.82
O5' 8OG B 9 -2.81 4.72 3.23
C5' 8OG B 9 -1.72 3.80 3.22
C4' 8OG B 9 -0.69 4.16 2.13
O4' 8OG B 9 -1.08 3.76 0.80
C3' 8OG B 9 -0.16 5.63 2.06
O3' 8OG B 9 1.23 5.61 2.25
C2' 8OG B 9 -0.46 6.05 0.69
C1' 8OG B 9 -0.39 4.68 0.01
N9 8OG B 9 -0.95 4.67 -1.35
C8 8OG B 9 -2.24 4.99 -1.76
N7 8OG B 9 -2.62 4.50 -2.86
C5 8OG B 9 -1.42 3.97 -3.44
C6 8OG B 9 -1.20 3.37 -4.72
O6 8OG B 9 -2.06 3.18 -5.57
N1 8OG B 9 0.13 2.98 -4.94
C2 8OG B 9 1.02 3.00 -3.92
N2 8OG B 9 2.19 2.61 -4.32
N3 8OG B 9 0.86 3.54 -2.68
C4 8OG B 9 -0.43 4.00 -2.46
O8 8OG B 9 -3.01 5.64 -1.11
H5' 8OG B 9 -2.07 2.78 3.08
H5'' 8OG B 9 -1.28 3.78 4.22
H4' 8OG B 9 0.14 3.49 2.34
H3' 8OG B 9 -0.67 6.26 2.80
H2' 8OG B 9 0.25 6.78 0.33
H2'' 8OG B 9 -1.50 6.38 0.67
H1' 8OG B 9 0.69 4.52 -0.04
H7 8OG B 9 -3.50 4.66 -3.32
H1 8OG B 9 0.44 2.77 -5.87
H21 8OG B 9 3.02 2.60 -3.73
H22 8OG B 9 2.21 2.26 -5.26
P AAB A 6 3.85 -7.80 0.32
O1P AAB A 6 4.25 -9.18 0.06
O2P AAB A 6 4.91 -6.90 0.71
O5' AAB A 6 2.67 -7.72 1.29
C5' AAB A 6 2.59 -6.75 2.32
C4' AAB A 6 1.43 -6.94 3.33
O4' AAB A 6 0.24 -6.42 2.84
C1' AAB A 6 -0.40 -7.31 1.99
O1' AAB A 6 -0.03 -7.50 0.70
C2' AAB A 6 -0.18 -8.61 2.71
C3' AAB A 6 0.98 -8.37 3.64
O3' AAB A 6 0.62 -8.46 5.04
H5'1 AAB A 6 2.65 -5.72 1.98
H5'2 AAB A 6 3.51 -6.87 2.87
H4' AAB A 6 1.76 -6.50 4.27
H1' AAB A 6 -1.47 -7.13 1.94
HO1' AAB A 6 0.91 -7.63 0.82
H2'1 AAB A 6 -1.10 -8.89 3.20
H2'2 AAB A 6 0.11 -9.37 1.98
H3' AAB A 6 1.71 -9.13 3.32
P 8OG B 9 -4.21 4.79 3.41
OP1 8OG B 9 -3.74 4.96 4.81
OP2 8OG B 9 -5.04 5.91 2.96
O5' 8OG B 9 -2.95 4.84 2.57
C5' 8OG B 9 -1.73 4.15 2.82
C4' 8OG B 9 -0.68 4.31 1.67
O4' 8OG B 9 -1.13 3.94 0.41
C3' 8OG B 9 -0.31 5.76 1.47
O3' 8OG B 9 0.99 5.99 2.03
C2' 8OG B 9 -0.56 6.13 -0.03
C1' 8OG B 9 -0.56 4.72 -0.57
N9 8OG B 9 -1.42 4.60 -1.82
C8 8OG B 9 -2.74 4.79 -2.04
N7 8OG B 9 -3.16 4.57 -3.26
C5 8OG B 9 -2.05 4.18 -3.99
C6 8OG B 9 -1.87 3.75 -5.32
O6 8OG B 9 -2.64 3.82 -6.21
N1 8OG B 9 -0.60 3.35 -5.53
C2 8OG B 9 0.40 3.39 -4.59
N2 8OG B 9 1.64 3.01 -4.92
N3 8OG B 9 0.28 3.71 -3.31
C4 8OG B 9 -1.02 4.12 -3.05
O8 8OG B 9 -3.53 5.29 -1.26
H5' 8OG B 9 -1.88 3.07 2.91
H5'' 8OG B 9 -1.33 4.54 3.76
H4' 8OG B 9 0.22 3.80 2.00
H3' 8OG B 9 -0.94 6.48 2.00
H2' 8OG B 9 0.29 6.69 -0.45
H2'' 8OG B 9 -1.52 6.61 -0.20
H1' 8OG B 9 0.48 4.53 -0.79
H7 8OG B 9 -4.09 4.83 -3.56
H1 8OG B 9 -0.35 2.94 -6.43
H21 8OG B 9 2.34 2.85 -4.20
H22 8OG B 9 1.94 3.03 -5.88
P AAB A 6 4.39 -8.40 -0.57
O1P AAB A 6 4.46 -9.89 -0.63
O2P AAB A 6 5.63 -7.57 -0.45
O5' AAB A 6 3.30 -7.97 0.52
C5' AAB A 6 3.61 -7.18 1.66
C4' AAB A 6 2.40 -6.67 2.45
O4' AAB A 6 1.49 -5.89 1.59
C1' AAB A 6 0.62 -6.75 0.97
O1' AAB A 6 0.89 -7.52 -0.27
C2' AAB A 6 0.35 -7.81 2.01
C3' AAB A 6 1.57 -7.86 2.89
O3' AAB A 6 1.17 -7.81 4.31
H5'1 AAB A 6 4.27 -6.35 1.34
H5'2 AAB A 6 4.24 -7.80 2.31
H4' AAB A 6 2.81 -6.16 3.33
H1' AAB A 6 -0.27 -6.16 0.72
HO1' AAB A 6 1.74 -7.91 -0.05
H2'1 AAB A 6 -0.59 -7.59 2.52
H2'2 AAB A 6 0.28 -8.80 1.56
H3' AAB A 6 2.16 -8.76 2.78
P 8OG B 9 -4.59 5.31 3.69
OP1 8OG B 9 -3.99 5.36 5.03
OP2 8OG B 9 -5.47 6.37 3.17
O5' 8OG B 9 -3.36 5.35 2.68
C5' 8OG B 9 -2.20 4.57 2.95
C4' 8OG B 9 -1.25 4.55 1.75
O4' 8OG B 9 -1.81 4.06 0.56
C3' 8OG B 9 -0.68 5.93 1.35
O3' 8OG B 9 0.59 6.03 1.96
C2' 8OG B 9 -0.70 6.00 -0.18
C1' 8OG B 9 -1.04 4.48 -0.52
N9 8OG B 9 -1.77 4.35 -1.82
C8 8OG B 9 -2.93 4.93 -2.25
N7 8OG B 9 -3.22 4.66 -3.48
C5 8OG B 9 -2.11 3.98 -3.99
C6 8OG B 9 -1.77 3.53 -5.32
O6 8OG B 9 -2.31 3.50 -6.41
N1 8OG B 9 -0.42 3.08 -5.36
C2 8OG B 9 0.39 3.08 -4.32
N2 8OG B 9 1.58 2.57 -4.54
N3 8OG B 9 0.12 3.55 -3.12
C4 8OG B 9 -1.18 3.93 -3.01
O8 8OG B 9 -3.61 5.68 -1.54
H5' 8OG B 9 -2.51 3.54 3.12
H5'' 8OG B 9 -1.62 4.95 3.79
H4' 8OG B 9 -0.37 3.94 1.95
H3' 8OG B 9 -1.24 6.74 1.82
H2' 8OG B 9 0.29 6.24 -0.56
H2'' 8OG B 9 -1.47 6.67 -0.57
H1' 8OG B 9 -0.09 3.95 -0.64
H7 8OG B 9 -3.95 5.12 -4.01
H1 8OG B 9 -0.10 2.84 -6.29
H21 8OG B 9 2.29 2.63 -3.83
H22 8OG B 9 1.83 2.22 -5.45
P AAB A 6 4.09 -8.76 -0.98
O1P AAB A 6 4.34 -10.21 -1.09
O2P AAB A 6 5.21 -7.82 -0.90
O5' AAB A 6 3.20 -8.47 0.31
C5' AAB A 6 3.59 -7.44 1.23
C4' AAB A 6 2.48 -7.04 2.28
O4' AAB A 6 1.44 -6.32 1.66
C1' AAB A 6 0.54 -7.16 1.06
O1' AAB A 6 0.50 -7.66 -0.22
C2' AAB A 6 0.54 -8.33 1.99
C3' AAB A 6 1.82 -8.26 2.82
O3' AAB A 6 1.50 -8.19 4.16
H5'1 AAB A 6 3.96 -6.51 0.82
H5'2 AAB A 6 4.41 -7.86 1.82
H4' AAB A 6 3.02 -6.46 3.03
H1' AAB A 6 -0.41 -6.63 1.22
HO1' AAB A 6 1.34 -8.08 -0.36
H2'1 AAB A 6 -0.29 -8.28 2.70
H2'2 AAB A 6 0.57 -9.29 1.48
H3' AAB A 6 2.38 -9.18 2.65
P 8OG B 9 -4.36 5.25 3.27
OP1 8OG B 9 -3.97 5.10 4.68
OP2 8OG B 9 -5.30 6.32 2.84
O5' 8OG B 9 -3.03 5.41 2.46
C5' 8OG B 9 -1.93 4.61 2.69
C4' 8OG B 9 -0.87 4.63 1.58
O4' 8OG B 9 -1.32 4.26 0.30
C3' 8OG B 9 -0.27 6.05 1.53
O3' 8OG B 9 1.13 5.99 1.94
C2' 8OG B 9 -0.45 6.45 0.10
C1' 8OG B 9 -0.55 5.09 -0.61
N9 8OG B 9 -1.25 5.07 -1.95
C8 8OG B 9 -2.55 5.50 -2.34
N7 8OG B 9 -2.79 5.19 -3.57
C5 8OG B 9 -1.60 4.63 -4.11
C6 8OG B 9 -1.27 4.15 -5.44
O6 8OG B 9 -2.08 4.06 -6.39
N1 8OG B 9 -0.01 3.64 -5.55
C2 8OG B 9 0.81 3.54 -4.47
N2 8OG B 9 1.89 3.01 -4.79
N3 8OG B 9 0.52 3.93 -3.24
C4 8OG B 9 -0.68 4.53 -3.12
O8 8OG B 9 -3.32 6.04 -1.59
H5' 8OG B 9 -2.26 3.57 2.79
H5'' 8OG B 9 -1.37 4.87 3.59
H4' 8OG B 9 -0.14 3.87 1.85
H3' 8OG B 9 -0.89 6.69 2.18
H2' 8OG B 9 0.45 6.99 -0.20
H2'' 8OG B 9 -1.32 7.07 -0.11
H1' 8OG B 9 0.48 4.78 -0.71
H7 8OG B 9 -3.52 5.61 -4.14
H1 8OG B 9 0.16 3.19 -6.44
H21 8OG B 9 2.62 3.20 -4.11
H22 8OG B 9 2.08 2.71 -5.73
P AAB A 6 4.03 -8.79 -0.97
O1P AAB A 6 3.94 -10.25 -0.96
O2P AAB A 6 5.38 -8.16 -0.84
O5' AAB A 6 3.04 -8.23 0.14
C5' AAB A 6 3.48 -7.20 1.09
C4' AAB A 6 2.39 -6.85 2.14
O4' AAB A 6 1.23 -6.14 1.58
C1' AAB A 6 0.35 -7.09 0.98
O1' AAB A 6 0.45 -7.40 -0.36
C2' AAB A 6 0.51 -8.29 1.91
C3' AAB A 6 1.77 -8.14 2.78
O3' AAB A 6 1.43 -7.85 4.13
H5'1 AAB A 6 3.80 -6.36 0.49
H5'2 AAB A 6 4.31 -7.64 1.65
H4' AAB A 6 2.83 -6.11 2.81
H1' AAB A 6 -0.64 -6.65 1.08
HO1' AAB A 6 1.39 -7.33 -0.55
H2'1 AAB A 6 -0.38 -8.37 2.55
H2'2 AAB A 6 0.59 -9.22 1.37
H3' AAB A 6 2.36 -9.04 2.63
P 8OG B 9 -4.84 5.86 3.47
OP1 8OG B 9 -4.20 6.29 4.79
OP2 8OG B 9 -5.75 6.79 2.76
O5' 8OG B 9 -3.55 5.65 2.43
C5' 8OG B 9 -2.44 4.74 2.78
C4' 8OG B 9 -1.31 4.82 1.75
O4' 8OG B 9 -1.63 4.21 0.55
C3' 8OG B 9 -0.84 6.22 1.52
O3' 8OG B 9 0.50 6.24 1.97
C2' 8OG B 9 -0.96 6.31 0.02
C1' 8OG B 9 -0.92 4.81 -0.48
N9 8OG B 9 -1.52 4.63 -1.84
C8 8OG B 9 -2.79 4.96 -2.24
N7 8OG B 9 -3.10 4.47 -3.45
C5 8OG B 9 -1.87 4.14 -3.97
C6 8OG B 9 -1.55 3.90 -5.28
O6 8OG B 9 -2.28 3.62 -6.18
N1 8OG B 9 -0.23 3.61 -5.45
C2 8OG B 9 0.70 3.87 -4.52
N2 8OG B 9 1.92 3.72 -4.95
N3 8OG B 9 0.43 4.10 -3.22
C4 8OG B 9 -0.88 4.25 -3.03
O8 8OG B 9 -3.63 5.54 -1.53
H5' 8OG B 9 -2.72 3.70 2.88
H5'' 8OG B 9 -1.96 5.06 3.71
H4' 8OG B 9 -0.51 4.21 2.14
H3' 8OG B 9 -1.36 7.01 2.06
H2' 8OG B 9 -0.21 6.92 -0.47
H2'' 8OG B 9 -1.95 6.70 -0.18
H1' 8OG B 9 0.11 4.48 -0.46
H7 8OG B 9 -4.05 4.51 -3.81
H1 8OG B 9 -0.06 3.37 -6.42
H21 8OG B 9 2.67 3.84 -4.28
H22 8OG B 9 2.06 3.27 -5.85
P AAB A 6 5.05 -8.60 -0.90
O1P AAB A 6 5.32 -9.84 -1.67
O2P AAB A 6 6.16 -7.76 -0.48
O5' AAB A 6 4.09 -8.84 0.38
C5' AAB A 6 4.27 -8.05 1.56
C4' AAB A 6 3.02 -7.69 2.35
O4' AAB A 6 2.13 -6.81 1.67
C1' AAB A 6 1.24 -7.69 1.02
O1' AAB A 6 1.47 -8.23 -0.22
C2' AAB A 6 0.89 -8.85 1.94
C3' AAB A 6 2.09 -8.92 2.76
O3' AAB A 6 1.76 -8.95 4.17
H5'1 AAB A 6 4.68 -7.09 1.26
H5'2 AAB A 6 5.01 -8.61 2.14
H4' AAB A 6 3.40 -7.18 3.25
H1' AAB A 6 0.28 -7.19 0.91
HO1' AAB A 6 2.41 -8.22 -0.41
H2'1 AAB A 6 0.02 -8.60 2.56
H2'2 AAB A 6 0.74 -9.71 1.29
H3' AAB A 6 2.53 -9.84 2.36
P 8OG B 9 -4.51 5.61 3.05
OP1 8OG B 9 -3.97 5.93 4.36
OP2 8OG B 9 -5.43 6.51 2.32
O5' 8OG B 9 -3.31 5.29 2.12
C5' 8OG B 9 -2.26 4.46 2.49
C4' 8OG B 9 -1.03 4.53 1.52
O4' 8OG B 9 -1.21 3.89 0.27
C3' 8OG B 9 -0.42 5.92 1.23
O3' 8OG B 9 0.99 5.87 1.70
C2' 8OG B 9 -0.57 6.13 -0.27
C1' 8OG B 9 -0.70 4.69 -0.74
N9 8OG B 9 -1.42 4.58 -2.00
C8 8OG B 9 -2.70 4.85 -2.28
N7 8OG B 9 -3.03 4.80 -3.47
C5 8OG B 9 -1.91 4.40 -4.17
C6 8OG B 9 -1.57 4.22 -5.58
O6 8OG B 9 -2.34 4.15 -6.49
N1 8OG B 9 -0.24 3.94 -5.78
C2 8OG B 9 0.64 3.80 -4.76
N2 8OG B 9 1.80 3.27 -4.94
N3 8OG B 9 0.37 3.92 -3.48
C4 8OG B 9 -0.90 4.31 -3.25
O8 8OG B 9 -3.57 5.27 -1.47
H5' 8OG B 9 -2.64 3.45 2.35
H5'' 8OG B 9 -1.81 4.69 3.45
H4' 8OG B 9 -0.24 4.02 2.08
H3' 8OG B 9 -0.87 6.74 1.79
H2' 8OG B 9 0.29 6.54 -0.83
H2'' 8OG B 9 -1.51 6.67 -0.41
H1' 8OG B 9 0.35 4.48 -0.91
H7 8OG B 9 -3.88 5.23 -3.82
H1 8OG B 9 -0.02 3.68 -6.73
H21 8OG B 9 2.44 3.32 -4.17
H22 8OG B 9 1.86 2.87 -5.87
P AAB A 6 4.82 -8.55 -0.20
O1P AAB A 6 4.85 -9.87 -0.81
O2P AAB A 6 6.08 -7.89 0.12
O5' AAB A 6 3.80 -8.51 1.02
C5' AAB A 6 3.97 -7.61 2.10
C4' AAB A 6 2.72 -7.27 2.94
O4' AAB A 6 1.89 -6.38 2.19
C1' AAB A 6 1.01 -7.11 1.37
O1' AAB A 6 1.32 -7.56 0.07
C2' AAB A 6 0.81 -8.35 2.23
C3' AAB A 6 1.88 -8.50 3.25
O3' AAB A 6 1.43 -8.48 4.57
H5'1 AAB A 6 4.17 -6.58 1.76
H5'2 AAB A 6 4.75 -7.96 2.77
H4' AAB A 6 3.18 -6.90 3.86
H1' AAB A 6 0.09 -6.55 1.22
HO1' AAB A 6 2.10 -8.11 0.16
H2'1 AAB A 6 -0.14 -8.25 2.77
H2'2 AAB A 6 0.79 -9.28 1.68
H3' AAB A 6 2.46 -9.41 3.06
P 8OG B 9 -4.08 5.29 3.29
OP1 8OG B 9 -3.54 5.46 4.62
OP2 8OG B 9 -5.16 6.20 2.88
O5' 8OG B 9 -2.86 5.38 2.28
C5' 8OG B 9 -1.88 4.37 2.38
C4' 8OG B 9 -0.84 4.48 1.28
O4' 8OG B 9 -1.40 4.03 0.11
C3' 8OG B 9 -0.33 5.94 1.06
O3' 8OG B 9 1.09 6.00 1.43
C2' 8OG B 9 -0.63 6.12 -0.40
C1' 8OG B 9 -0.80 4.71 -0.92
N9 8OG B 9 -1.48 4.48 -2.18
C8 8OG B 9 -2.83 4.76 -2.58
N7 8OG B 9 -3.10 4.49 -3.81
C5 8OG B 9 -1.94 3.91 -4.27
C6 8OG B 9 -1.70 3.37 -5.54
O6 8OG B 9 -2.49 3.20 -6.41
N1 8OG B 9 -0.42 2.95 -5.72
C2 8OG B 9 0.52 3.00 -4.72
N2 8OG B 9 1.77 2.64 -5.03
N3 8OG B 9 0.31 3.40 -3.47
C4 8OG B 9 -0.95 3.90 -3.31
O8 8OG B 9 -3.66 5.30 -1.91
H5' 8OG B 9 -2.35 3.39 2.25
H5'' 8OG B 9 -1.40 4.27 3.35
H4' 8OG B 9 0.02 3.90 1.62
H3' 8OG B 9 -0.88 6.72 1.56
H2' 8OG B 9 0.22 6.62 -0.87
H2'' 8OG B 9 -1.57 6.65 -0.39
H1' 8OG B 9 0.19 4.25 -1.00
H7 8OG B 9 -3.81 4.86 -4.43
H1 8OG B 9 -0.19 2.56 -6.62
H21 8OG B 9 2.43 2.62 -4.26
H22 8OG B 9 2.05 2.26 -5.92
P AAB A 6 4.27 -8.13 -0.36
O1P AAB A 6 4.44 -9.61 -0.46
O2P AAB A 6 5.47 -7.36 -0.20
O5' AAB A 6 3.15 -7.89 0.78
C5' AAB A 6 3.35 -6.84 1.74
C4' AAB A 6 2.16 -6.81 2.80
O4' AAB A 6 1.04 -6.09 2.32
C1' AAB A 6 0.23 -6.96 1.58
O1' AAB A 6 0.51 -7.42 0.33
C2' AAB A 6 0.20 -8.18 2.46
C3' AAB A 6 1.47 -8.14 3.27
O3' AAB A 6 1.25 -8.04 4.67
H5'1 AAB A 6 3.63 -5.90 1.26
H5'2 AAB A 6 4.20 -7.02 2.40
H4' AAB A 6 2.54 -6.43 3.75
H1' AAB A 6 -0.79 -6.56 1.51
HO1' AAB A 6 1.42 -7.74 0.32
H2'1 AAB A 6 -0.65 -8.13 3.13
H2'2 AAB A 6 0.05 -9.05 1.84
H3' AAB A 6 2.00 -9.08 3.08
P 8OG B 9 -4.30 5.34 3.22
OP1 8OG B 9 -3.81 5.59 4.61
OP2 8OG B 9 -5.29 6.21 2.61
O5' 8OG B 9 -3.03 5.50 2.27
C5' 8OG B 9 -1.95 4.62 2.48
C4' 8OG B 9 -0.90 4.67 1.26
O4' 8OG B 9 -1.44 4.14 0.06
C3' 8OG B 9 -0.41 6.11 0.86
O3' 8OG B 9 1.02 6.24 1.10
C2' 8OG B 9 -0.64 6.16 -0.67
C1' 8OG B 9 -0.86 4.71 -1.05
N9 8OG B 9 -1.60 4.58 -2.33
C8 8OG B 9 -2.80 5.04 -2.78
N7 8OG B 9 -3.07 4.80 -4.03
C5 8OG B 9 -2.03 4.01 -4.41
C6 8OG B 9 -1.82 3.30 -5.67
O6 8OG B 9 -2.46 3.16 -6.69
N1 8OG B 9 -0.53 2.86 -5.75
C2 8OG B 9 0.43 2.92 -4.80
N2 8OG B 9 1.62 2.46 -4.98
N3 8OG B 9 0.24 3.52 -3.65
C4 8OG B 9 -1.04 3.98 -3.45
O8 8OG B 9 -3.63 5.65 -2.08
H5' 8OG B 9 -2.41 3.64 2.36
H5'' 8OG B 9 -1.38 4.66 3.41
H4' 8OG B 9 -0.11 4.00 1.59
H3' 8OG B 9 -1.00 6.89 1.36
H2' 8OG B 9 0.19 6.57 -1.25
H2'' 8OG B 9 -1.59 6.63 -0.89
H1' 8OG B 9 0.16 4.35 -1.19
H7 8OG B 9 -4.01 4.99 -4.36
H1 8OG B 9 -0.21 2.58 -6.67
H21 8OG B 9 2.27 2.50 -4.21
H22 8OG B 9 1.95 2.37 -5.94
#